data_2CIQ
#
_entry.id   2CIQ
#
_cell.length_a   106.190
_cell.length_b   44.800
_cell.length_c   73.990
_cell.angle_alpha   90.00
_cell.angle_beta   90.00
_cell.angle_gamma   90.00
#
_symmetry.space_group_name_H-M   'P 21 21 2'
#
loop_
_entity.id
_entity.type
_entity.pdbx_description
1 polymer 'HEXOSE-6-PHOSPHATE MUTAROTASE'
2 non-polymer '4-(2-HYDROXYETHYL)-1-PIPERAZINE ETHANESULFONIC ACID'
3 non-polymer 'SODIUM ION'
4 non-polymer GLYCEROL
5 non-polymer 'SULFATE ION'
6 water water
#
_entity_poly.entity_id   1
_entity_poly.type   'polypeptide(L)'
_entity_poly.pdbx_seq_one_letter_code
;MPIKETDKEVVLTHPADETTSVHILKYGATVYSWKLKSEEQLWLSTAAKLDGSKPVRGGIPLVFPVFGKNSTDEHLSKLP
QHGLARNSTWEFLGQTKENPPTVQFGLKPEIANPELTKLWPMDYLLILTVELGSDYLKTAIEVENTSSSKELKFNWLFHT
YFRIEDIEGTMVSNLAGMKLYDQLLKESYVDKHPVVTFNQETDVIYQNVSAERAIQIVDKGVQIHTLKRYNLPDTVVWNP
WIEKSQGMADFEPKTGYQQMICIEPGHVHDFISLAPGKKWNAYQLLCKEELKYQAIQ
;
_entity_poly.pdbx_strand_id   A
#
loop_
_chem_comp.id
_chem_comp.type
_chem_comp.name
_chem_comp.formula
EPE non-polymer '4-(2-HYDROXYETHYL)-1-PIPERAZINE ETHANESULFONIC ACID' 'C8 H18 N2 O4 S'
GOL non-polymer GLYCEROL 'C3 H8 O3'
NA non-polymer 'SODIUM ION' 'Na 1'
SO4 non-polymer 'SULFATE ION' 'O4 S -2'
#
# COMPACT_ATOMS: atom_id res chain seq x y z
N PRO A 2 -7.01 -13.53 18.26
CA PRO A 2 -8.43 -13.53 17.98
C PRO A 2 -8.78 -12.72 16.74
N ILE A 3 -9.91 -13.05 16.13
CA ILE A 3 -10.44 -12.29 15.01
C ILE A 3 -11.89 -11.98 15.24
N LYS A 4 -12.27 -10.76 14.89
CA LYS A 4 -13.57 -10.20 15.16
C LYS A 4 -14.07 -9.48 13.91
N GLU A 5 -15.20 -9.96 13.36
CA GLU A 5 -15.78 -9.36 12.17
C GLU A 5 -17.04 -8.56 12.50
N THR A 6 -17.11 -7.35 11.95
CA THR A 6 -18.28 -6.49 12.01
C THR A 6 -18.74 -6.24 10.57
N ASP A 7 -19.82 -5.49 10.40
CA ASP A 7 -20.32 -5.18 9.06
C ASP A 7 -19.31 -4.42 8.21
N LYS A 8 -18.53 -3.54 8.85
CA LYS A 8 -17.65 -2.61 8.12
C LYS A 8 -16.20 -3.04 8.14
N GLU A 9 -15.81 -3.89 9.09
CA GLU A 9 -14.40 -4.16 9.27
C GLU A 9 -14.11 -5.50 9.92
N VAL A 10 -12.82 -5.86 9.90
CA VAL A 10 -12.30 -7.05 10.57
C VAL A 10 -11.15 -6.59 11.45
N VAL A 11 -11.04 -7.13 12.65
CA VAL A 11 -10.02 -6.72 13.59
C VAL A 11 -9.33 -7.96 14.09
N LEU A 12 -8.01 -7.99 13.96
CA LEU A 12 -7.20 -9.08 14.48
C LEU A 12 -6.46 -8.59 15.69
N THR A 13 -6.40 -9.44 16.73
CA THR A 13 -5.60 -9.13 17.92
C THR A 13 -4.65 -10.31 18.14
N HIS A 14 -3.43 -10.04 18.60
CA HIS A 14 -2.48 -11.13 18.72
C HIS A 14 -2.80 -11.91 20.02
N PRO A 15 -2.82 -13.25 19.94
CA PRO A 15 -3.19 -14.04 21.12
C PRO A 15 -2.25 -13.89 22.31
N ALA A 16 -0.99 -13.55 22.08
CA ALA A 16 -0.05 -13.35 23.19
C ALA A 16 -0.14 -11.97 23.82
N ASP A 17 -0.74 -11.03 23.09
CA ASP A 17 -0.84 -9.65 23.58
C ASP A 17 -1.91 -8.91 22.82
N GLU A 18 -3.08 -8.76 23.44
CA GLU A 18 -4.25 -8.18 22.77
C GLU A 18 -4.05 -6.72 22.38
N THR A 19 -2.96 -6.08 22.86
CA THR A 19 -2.69 -4.67 22.51
C THR A 19 -1.97 -4.55 21.17
N THR A 20 -1.60 -5.70 20.59
CA THR A 20 -1.09 -5.76 19.23
C THR A 20 -2.27 -6.12 18.36
N SER A 21 -2.60 -5.25 17.41
CA SER A 21 -3.83 -5.42 16.65
C SER A 21 -3.71 -4.85 15.24
N VAL A 22 -4.60 -5.24 14.34
CA VAL A 22 -4.72 -4.59 13.04
C VAL A 22 -6.23 -4.49 12.71
N HIS A 23 -6.65 -3.32 12.20
CA HIS A 23 -8.02 -3.09 11.77
C HIS A 23 -8.02 -3.00 10.26
N ILE A 24 -8.90 -3.76 9.61
CA ILE A 24 -8.97 -3.78 8.14
C ILE A 24 -10.41 -3.43 7.74
N LEU A 25 -10.54 -2.34 6.99
CA LEU A 25 -11.84 -1.93 6.47
C LEU A 25 -12.17 -2.84 5.29
N LYS A 26 -13.40 -3.36 5.24
CA LYS A 26 -13.77 -4.17 4.07
C LYS A 26 -13.71 -3.32 2.80
N TYR A 27 -14.10 -2.05 2.89
CA TYR A 27 -13.93 -1.11 1.77
C TYR A 27 -12.44 -0.94 1.46
N GLY A 28 -12.06 -1.41 0.27
CA GLY A 28 -10.67 -1.34 -0.21
C GLY A 28 -9.79 -2.42 0.40
N ALA A 29 -10.38 -3.29 1.23
CA ALA A 29 -9.58 -4.18 2.11
C ALA A 29 -8.41 -3.36 2.63
N THR A 30 -8.77 -2.23 3.25
CA THR A 30 -7.81 -1.19 3.66
C THR A 30 -7.39 -1.34 5.11
N VAL A 31 -6.18 -1.83 5.33
CA VAL A 31 -5.63 -1.70 6.70
C VAL A 31 -5.59 -0.21 7.08
N TYR A 32 -6.21 0.18 8.19
CA TYR A 32 -6.16 1.60 8.56
C TYR A 32 -5.55 1.85 9.95
N SER A 33 -5.28 0.76 10.67
CA SER A 33 -4.57 0.83 11.94
C SER A 33 -3.78 -0.46 12.15
N TRP A 34 -2.55 -0.30 12.66
CA TRP A 34 -1.74 -1.43 13.10
C TRP A 34 -1.05 -0.96 14.36
N LYS A 35 -1.41 -1.59 15.47
CA LYS A 35 -0.80 -1.24 16.74
C LYS A 35 0.10 -2.35 17.17
N LEU A 36 1.30 -1.98 17.59
CA LEU A 36 2.28 -2.92 18.10
C LEU A 36 2.40 -2.62 19.57
N LYS A 37 1.91 -3.53 20.40
CA LYS A 37 1.92 -3.31 21.86
C LYS A 37 1.37 -1.91 22.23
N SER A 38 0.25 -1.53 21.62
CA SER A 38 -0.46 -0.28 21.91
C SER A 38 0.01 0.89 21.07
N GLU A 39 1.16 0.77 20.42
CA GLU A 39 1.75 1.87 19.64
C GLU A 39 1.32 1.83 18.15
N GLU A 40 0.66 2.88 17.68
CA GLU A 40 0.19 2.95 16.28
C GLU A 40 1.38 3.09 15.35
N GLN A 41 1.38 2.24 14.33
CA GLN A 41 2.52 2.19 13.37
C GLN A 41 2.20 2.88 12.05
N LEU A 42 0.91 3.05 11.73
CA LEU A 42 0.50 3.67 10.48
C LEU A 42 -0.11 5.04 10.69
N TRP A 43 0.10 5.92 9.72
CA TRP A 43 -0.51 7.25 9.79
C TRP A 43 -1.87 7.22 9.14
N LEU A 44 -2.83 7.88 9.79
CA LEU A 44 -4.17 8.00 9.24
C LEU A 44 -4.62 9.44 9.46
N SER A 45 -5.11 10.08 8.40
CA SER A 45 -5.63 11.42 8.51
C SER A 45 -6.78 11.43 9.54
N THR A 46 -6.86 12.50 10.32
CA THR A 46 -7.97 12.67 11.29
C THR A 46 -9.29 12.94 10.57
N ALA A 47 -9.20 13.28 9.29
CA ALA A 47 -10.38 13.48 8.43
C ALA A 47 -10.53 12.37 7.40
N ALA A 48 -9.84 11.26 7.58
CA ALA A 48 -9.99 10.14 6.64
C ALA A 48 -11.43 9.64 6.66
N LYS A 49 -11.96 9.26 5.51
CA LYS A 49 -13.28 8.63 5.45
C LYS A 49 -13.14 7.13 5.60
N LEU A 50 -13.89 6.56 6.52
CA LEU A 50 -13.90 5.11 6.70
C LEU A 50 -15.26 4.54 6.28
N ASP A 51 -16.07 5.38 5.63
CA ASP A 51 -17.47 5.02 5.34
C ASP A 51 -17.72 4.53 3.90
N GLY A 52 -16.65 4.38 3.12
CA GLY A 52 -16.78 3.93 1.74
C GLY A 52 -17.15 5.01 0.73
N SER A 53 -17.18 6.26 1.18
CA SER A 53 -17.52 7.37 0.28
C SER A 53 -16.39 7.71 -0.71
N LYS A 54 -15.16 7.44 -0.31
CA LYS A 54 -13.96 7.68 -1.13
C LYS A 54 -12.79 6.93 -0.49
N PRO A 55 -11.68 6.74 -1.23
CA PRO A 55 -10.57 5.99 -0.61
C PRO A 55 -10.07 6.54 0.72
N VAL A 56 -9.51 5.65 1.54
CA VAL A 56 -9.00 6.01 2.86
C VAL A 56 -7.69 6.79 2.74
N ARG A 57 -7.63 7.97 3.35
CA ARG A 57 -6.38 8.75 3.32
C ARG A 57 -5.50 8.36 4.49
N GLY A 58 -4.74 7.29 4.30
CA GLY A 58 -3.87 6.76 5.36
C GLY A 58 -3.92 5.25 5.35
N GLY A 59 -3.26 4.63 6.32
CA GLY A 59 -3.23 3.17 6.40
C GLY A 59 -2.46 2.56 5.23
N ILE A 60 -3.02 1.51 4.62
CA ILE A 60 -2.39 0.86 3.48
C ILE A 60 -3.40 0.72 2.33
N PRO A 61 -3.70 1.84 1.66
CA PRO A 61 -4.56 1.64 0.47
C PRO A 61 -3.93 0.69 -0.58
N LEU A 62 -4.79 -0.07 -1.27
CA LEU A 62 -4.30 -1.01 -2.28
C LEU A 62 -4.44 -0.41 -3.67
N VAL A 63 -3.36 -0.50 -4.45
CA VAL A 63 -3.33 0.12 -5.77
C VAL A 63 -3.36 -0.95 -6.87
N PHE A 64 -4.47 -1.00 -7.62
CA PHE A 64 -4.64 -1.97 -8.72
C PHE A 64 -5.85 -1.53 -9.57
N PRO A 65 -5.78 -1.69 -10.90
CA PRO A 65 -4.67 -2.23 -11.71
C PRO A 65 -3.73 -1.20 -12.32
N VAL A 66 -3.85 0.05 -11.91
CA VAL A 66 -2.95 1.07 -12.45
C VAL A 66 -2.40 1.93 -11.33
N PHE A 67 -1.08 2.13 -11.33
CA PHE A 67 -0.46 3.13 -10.44
C PHE A 67 -0.46 4.49 -11.14
N GLY A 68 -0.89 5.51 -10.43
CA GLY A 68 -0.96 6.87 -10.99
C GLY A 68 -2.13 6.97 -11.96
N LYS A 69 -2.05 7.96 -12.85
CA LYS A 69 -3.02 8.10 -13.92
C LYS A 69 -2.40 7.71 -15.25
N ASN A 70 -3.02 6.76 -15.94
CA ASN A 70 -2.52 6.31 -17.22
C ASN A 70 -3.15 7.15 -18.32
N SER A 71 -2.38 7.43 -19.36
CA SER A 71 -2.87 8.29 -20.44
C SER A 71 -3.00 7.54 -21.78
N THR A 72 -2.20 6.50 -21.97
CA THR A 72 -2.02 5.90 -23.29
C THR A 72 -2.61 4.49 -23.51
N ASP A 73 -3.02 3.79 -22.45
CA ASP A 73 -3.64 2.48 -22.65
C ASP A 73 -5.14 2.66 -22.85
N GLU A 74 -5.75 2.00 -23.84
CA GLU A 74 -7.16 2.27 -24.17
C GLU A 74 -8.10 2.17 -22.97
N HIS A 75 -7.89 1.14 -22.17
CA HIS A 75 -8.76 0.84 -21.03
C HIS A 75 -8.24 1.39 -19.72
N LEU A 76 -6.95 1.17 -19.44
CA LEU A 76 -6.43 1.69 -18.16
C LEU A 76 -6.52 3.21 -18.07
N SER A 77 -6.46 3.90 -19.22
CA SER A 77 -6.53 5.36 -19.21
C SER A 77 -7.91 5.87 -18.76
N LYS A 78 -8.91 5.00 -18.75
CA LYS A 78 -10.25 5.39 -18.32
C LYS A 78 -10.42 5.44 -16.79
N LEU A 79 -9.49 4.83 -16.07
CA LEU A 79 -9.62 4.72 -14.63
C LEU A 79 -9.07 5.95 -13.90
N PRO A 80 -9.58 6.22 -12.68
CA PRO A 80 -9.05 7.32 -11.87
C PRO A 80 -7.66 6.96 -11.36
N GLN A 81 -6.94 7.95 -10.82
CA GLN A 81 -5.60 7.74 -10.28
C GLN A 81 -5.64 6.57 -9.30
N HIS A 82 -4.70 5.65 -9.48
CA HIS A 82 -4.51 4.50 -8.60
C HIS A 82 -5.56 3.40 -8.69
N GLY A 83 -6.43 3.44 -9.69
CA GLY A 83 -7.23 2.27 -10.01
C GLY A 83 -8.53 2.10 -9.26
N LEU A 84 -8.94 0.84 -9.09
CA LEU A 84 -10.26 0.54 -8.54
C LEU A 84 -10.23 -0.35 -7.31
N ALA A 85 -9.08 -0.90 -6.93
CA ALA A 85 -9.06 -1.80 -5.76
C ALA A 85 -9.43 -1.03 -4.48
N ARG A 86 -8.95 0.22 -4.36
CA ARG A 86 -9.10 0.98 -3.11
C ARG A 86 -10.46 1.66 -2.96
N ASN A 87 -11.27 1.61 -4.01
CA ASN A 87 -12.66 2.12 -3.91
C ASN A 87 -13.74 1.09 -4.20
N SER A 88 -13.39 -0.18 -3.98
CA SER A 88 -14.30 -1.31 -4.14
C SER A 88 -14.38 -1.96 -2.79
N THR A 89 -15.54 -2.48 -2.46
CA THR A 89 -15.73 -3.21 -1.21
C THR A 89 -15.36 -4.68 -1.40
N TRP A 90 -14.33 -5.13 -0.69
CA TRP A 90 -13.85 -6.51 -0.82
C TRP A 90 -14.70 -7.41 0.07
N GLU A 91 -14.71 -8.68 -0.28
CA GLU A 91 -15.40 -9.73 0.48
C GLU A 91 -14.46 -10.35 1.51
N PHE A 92 -14.87 -10.40 2.77
CA PHE A 92 -14.11 -11.11 3.79
C PHE A 92 -14.27 -12.57 3.54
N LEU A 93 -13.16 -13.27 3.26
CA LEU A 93 -13.20 -14.69 2.93
C LEU A 93 -13.05 -15.56 4.16
N GLY A 94 -12.63 -14.98 5.27
CA GLY A 94 -12.54 -15.72 6.52
C GLY A 94 -11.13 -15.76 7.07
N GLN A 95 -10.99 -16.38 8.22
CA GLN A 95 -9.70 -16.59 8.82
C GLN A 95 -9.01 -17.86 8.30
N THR A 96 -7.69 -17.82 8.15
CA THR A 96 -6.97 -18.99 7.74
C THR A 96 -6.06 -19.49 8.86
N LYS A 97 -5.83 -18.66 9.86
CA LYS A 97 -4.94 -19.05 10.98
C LYS A 97 -5.30 -18.31 12.24
N GLU A 98 -5.12 -18.98 13.39
CA GLU A 98 -5.36 -18.35 14.68
C GLU A 98 -4.08 -17.75 15.25
N ASN A 99 -2.95 -18.37 14.93
CA ASN A 99 -1.66 -17.89 15.42
C ASN A 99 -0.53 -18.23 14.46
N PRO A 100 0.00 -17.21 13.75
CA PRO A 100 -0.37 -15.82 13.82
C PRO A 100 -1.74 -15.58 13.18
N PRO A 101 -2.55 -14.71 13.78
CA PRO A 101 -3.89 -14.47 13.26
C PRO A 101 -3.80 -14.05 11.79
N THR A 102 -4.45 -14.79 10.89
CA THR A 102 -4.36 -14.52 9.46
C THR A 102 -5.75 -14.55 8.86
N VAL A 103 -6.04 -13.58 7.98
CA VAL A 103 -7.33 -13.49 7.29
C VAL A 103 -7.14 -13.26 5.80
N GLN A 104 -8.19 -13.55 5.03
CA GLN A 104 -8.17 -13.31 3.59
C GLN A 104 -9.35 -12.46 3.13
N PHE A 105 -9.10 -11.66 2.09
CA PHE A 105 -10.14 -10.81 1.49
C PHE A 105 -10.09 -11.06 0.00
N GLY A 106 -11.24 -10.95 -0.67
CA GLY A 106 -11.25 -11.20 -2.11
C GLY A 106 -11.96 -10.11 -2.90
N LEU A 107 -11.56 -9.97 -4.16
CA LEU A 107 -12.23 -9.06 -5.10
C LEU A 107 -12.27 -9.67 -6.47
N LYS A 108 -13.39 -9.44 -7.16
CA LYS A 108 -13.54 -9.89 -8.54
C LYS A 108 -14.54 -8.92 -9.17
N PRO A 109 -14.54 -8.82 -10.50
CA PRO A 109 -15.37 -7.80 -11.14
C PRO A 109 -16.80 -7.76 -10.65
N GLU A 110 -17.39 -8.92 -10.37
CA GLU A 110 -18.80 -9.01 -9.96
C GLU A 110 -19.15 -8.21 -8.70
N ILE A 111 -18.19 -8.06 -7.79
CA ILE A 111 -18.45 -7.36 -6.53
C ILE A 111 -17.66 -6.03 -6.43
N ALA A 112 -16.87 -5.70 -7.45
CA ALA A 112 -16.05 -4.48 -7.43
C ALA A 112 -16.85 -3.22 -7.78
N ASN A 113 -16.20 -2.06 -7.76
CA ASN A 113 -16.86 -0.78 -7.97
C ASN A 113 -17.57 -0.81 -9.33
N PRO A 114 -18.92 -0.69 -9.35
CA PRO A 114 -19.69 -0.86 -10.60
C PRO A 114 -19.28 0.07 -11.75
N GLU A 115 -19.17 1.38 -11.47
CA GLU A 115 -18.76 2.39 -12.46
C GLU A 115 -17.40 2.04 -13.07
N LEU A 116 -16.44 1.78 -12.18
CA LEU A 116 -15.09 1.53 -12.61
C LEU A 116 -14.94 0.19 -13.34
N THR A 117 -15.72 -0.81 -12.95
CA THR A 117 -15.68 -2.13 -13.56
C THR A 117 -16.17 -2.03 -15.01
N LYS A 118 -17.17 -1.18 -15.24
CA LYS A 118 -17.63 -0.95 -16.62
C LYS A 118 -16.55 -0.32 -17.52
N LEU A 119 -15.74 0.58 -16.94
CA LEU A 119 -14.65 1.23 -17.66
C LEU A 119 -13.48 0.29 -17.97
N TRP A 120 -13.21 -0.63 -17.03
CA TRP A 120 -12.12 -1.58 -17.18
C TRP A 120 -12.65 -2.99 -16.91
N PRO A 121 -13.39 -3.55 -17.89
CA PRO A 121 -14.07 -4.85 -17.67
C PRO A 121 -13.19 -6.07 -17.88
N MET A 122 -12.01 -6.08 -17.26
CA MET A 122 -11.10 -7.21 -17.39
C MET A 122 -11.39 -8.24 -16.30
N ASP A 123 -11.19 -9.51 -16.62
CA ASP A 123 -11.40 -10.58 -15.65
C ASP A 123 -10.15 -10.76 -14.79
N TYR A 124 -10.37 -10.86 -13.50
CA TYR A 124 -9.28 -11.11 -12.56
C TYR A 124 -9.86 -11.65 -11.26
N LEU A 125 -9.02 -12.24 -10.44
CA LEU A 125 -9.40 -12.51 -9.07
C LEU A 125 -8.24 -12.08 -8.18
N LEU A 126 -8.55 -11.29 -7.17
CA LEU A 126 -7.59 -10.87 -6.12
C LEU A 126 -7.84 -11.56 -4.80
N ILE A 127 -6.76 -12.05 -4.19
CA ILE A 127 -6.82 -12.53 -2.82
C ILE A 127 -5.74 -11.81 -1.99
N LEU A 128 -6.18 -11.06 -1.01
CA LEU A 128 -5.30 -10.38 -0.04
C LEU A 128 -5.26 -11.19 1.24
N THR A 129 -4.05 -11.45 1.72
CA THR A 129 -3.90 -12.18 2.97
C THR A 129 -3.22 -11.22 3.93
N VAL A 130 -3.80 -11.05 5.12
CA VAL A 130 -3.21 -10.17 6.13
C VAL A 130 -2.86 -11.05 7.33
N GLU A 131 -1.59 -10.99 7.73
CA GLU A 131 -1.06 -11.81 8.84
C GLU A 131 -0.47 -10.89 9.92
N LEU A 132 -0.96 -11.06 11.14
CA LEU A 132 -0.55 -10.25 12.25
C LEU A 132 0.40 -11.05 13.14
N GLY A 133 1.69 -10.76 13.07
CA GLY A 133 2.68 -11.41 13.94
C GLY A 133 2.81 -10.65 15.24
N SER A 134 3.60 -11.19 16.19
CA SER A 134 3.80 -10.49 17.44
C SER A 134 4.54 -9.17 17.25
N ASP A 135 5.38 -9.11 16.21
CA ASP A 135 6.23 -7.95 15.95
C ASP A 135 6.34 -7.60 14.46
N TYR A 136 5.36 -7.99 13.67
CA TYR A 136 5.34 -7.65 12.26
C TYR A 136 3.92 -7.71 11.73
N LEU A 137 3.74 -7.11 10.56
CA LEU A 137 2.50 -7.16 9.80
C LEU A 137 2.86 -7.57 8.37
N LYS A 138 2.25 -8.63 7.87
CA LYS A 138 2.47 -9.08 6.49
C LYS A 138 1.19 -8.88 5.70
N THR A 139 1.31 -8.25 4.53
CA THR A 139 0.17 -8.14 3.62
C THR A 139 0.61 -8.74 2.31
N ALA A 140 -0.04 -9.84 1.94
CA ALA A 140 0.31 -10.58 0.75
C ALA A 140 -0.85 -10.49 -0.23
N ILE A 141 -0.50 -10.57 -1.51
CA ILE A 141 -1.49 -10.44 -2.60
C ILE A 141 -1.25 -11.54 -3.62
N GLU A 142 -2.35 -12.16 -4.06
CA GLU A 142 -2.27 -13.03 -5.23
C GLU A 142 -3.26 -12.50 -6.29
N VAL A 143 -2.79 -12.37 -7.53
CA VAL A 143 -3.67 -12.02 -8.64
C VAL A 143 -3.76 -13.18 -9.61
N GLU A 144 -4.97 -13.56 -9.99
CA GLU A 144 -5.17 -14.63 -10.98
C GLU A 144 -5.89 -14.07 -12.19
N ASN A 145 -5.35 -14.37 -13.36
CA ASN A 145 -5.98 -14.01 -14.62
C ASN A 145 -6.98 -15.10 -14.97
N THR A 146 -8.24 -14.82 -14.68
CA THR A 146 -9.34 -15.77 -14.88
C THR A 146 -9.89 -15.79 -16.31
N SER A 147 -9.33 -14.98 -17.20
CA SER A 147 -9.64 -15.10 -18.63
C SER A 147 -8.99 -16.35 -19.22
N SER A 148 -9.66 -16.97 -20.19
CA SER A 148 -9.05 -18.08 -20.90
C SER A 148 -8.42 -17.66 -22.22
N SER A 149 -8.56 -16.40 -22.59
CA SER A 149 -8.12 -15.92 -23.91
C SER A 149 -7.27 -14.66 -23.90
N LYS A 150 -7.49 -13.82 -22.89
CA LYS A 150 -6.87 -12.50 -22.84
C LYS A 150 -5.80 -12.43 -21.76
N GLU A 151 -4.69 -11.79 -22.08
CA GLU A 151 -3.67 -11.52 -21.06
C GLU A 151 -4.19 -10.39 -20.18
N LEU A 152 -3.73 -10.36 -18.93
CA LEU A 152 -4.14 -9.33 -17.98
C LEU A 152 -2.92 -8.49 -17.66
N LYS A 153 -3.07 -7.20 -17.87
CA LYS A 153 -1.99 -6.22 -17.78
C LYS A 153 -2.31 -5.29 -16.60
N PHE A 154 -1.41 -5.20 -15.63
CA PHE A 154 -1.72 -4.45 -14.39
C PHE A 154 -0.44 -4.05 -13.65
N ASN A 155 -0.56 -3.01 -12.84
CA ASN A 155 0.41 -2.73 -11.78
C ASN A 155 -0.21 -3.16 -10.43
N TRP A 156 0.65 -3.38 -9.44
CA TRP A 156 0.22 -3.61 -8.06
C TRP A 156 1.10 -2.75 -7.17
N LEU A 157 0.51 -2.06 -6.21
CA LEU A 157 1.28 -1.35 -5.19
C LEU A 157 0.57 -1.29 -3.84
N PHE A 158 1.34 -1.41 -2.75
CA PHE A 158 0.81 -1.20 -1.40
C PHE A 158 1.18 0.22 -1.02
N HIS A 159 0.19 1.07 -0.78
CA HIS A 159 0.40 2.52 -0.57
C HIS A 159 0.62 2.81 0.94
N THR A 160 1.68 2.23 1.52
CA THR A 160 1.86 2.20 2.97
C THR A 160 2.22 3.57 3.54
N TYR A 161 1.41 4.06 4.48
CA TYR A 161 1.69 5.31 5.20
C TYR A 161 2.29 4.97 6.57
N PHE A 162 3.61 5.11 6.72
CA PHE A 162 4.24 4.87 8.01
C PHE A 162 4.06 6.10 8.91
N ARG A 163 3.81 5.86 10.19
CA ARG A 163 3.69 6.98 11.14
C ARG A 163 5.05 7.26 11.75
N ILE A 164 5.43 8.51 11.74
CA ILE A 164 6.71 8.94 12.31
C ILE A 164 6.48 10.14 13.21
N GLU A 165 7.52 10.60 13.90
CA GLU A 165 7.35 11.75 14.78
C GLU A 165 7.57 13.07 14.06
N ASP A 166 8.56 13.16 13.18
CA ASP A 166 8.92 14.42 12.51
C ASP A 166 9.66 14.18 11.22
N ILE A 167 9.02 14.45 10.10
CA ILE A 167 9.60 14.15 8.78
C ILE A 167 10.97 14.80 8.61
N GLU A 168 11.12 16.03 9.10
CA GLU A 168 12.35 16.76 8.87
C GLU A 168 13.53 16.11 9.59
N GLY A 169 13.27 15.43 10.70
CA GLY A 169 14.36 14.75 11.43
C GLY A 169 14.45 13.27 11.13
N THR A 170 13.77 12.83 10.08
CA THR A 170 13.75 11.40 9.68
C THR A 170 14.68 11.12 8.49
N MET A 171 15.27 9.94 8.45
CA MET A 171 15.96 9.56 7.23
C MET A 171 15.55 8.15 6.86
N VAL A 172 15.79 7.80 5.60
CA VAL A 172 15.47 6.47 5.09
C VAL A 172 16.75 5.88 4.52
N SER A 173 17.10 4.67 4.97
CA SER A 173 18.35 4.07 4.56
C SER A 173 18.19 2.79 3.73
N ASN A 174 19.26 2.49 2.99
CA ASN A 174 19.40 1.32 2.14
C ASN A 174 18.89 1.50 0.72
N LEU A 175 18.69 2.76 0.32
CA LEU A 175 18.43 3.04 -1.07
C LEU A 175 19.59 3.73 -1.80
N ALA A 176 20.74 3.89 -1.13
CA ALA A 176 21.88 4.59 -1.73
C ALA A 176 22.28 3.85 -3.02
N GLY A 177 22.48 4.61 -4.10
CA GLY A 177 22.97 4.05 -5.35
C GLY A 177 21.91 3.44 -6.25
N MET A 178 20.65 3.47 -5.80
CA MET A 178 19.60 2.92 -6.62
C MET A 178 19.11 3.93 -7.64
N LYS A 179 18.64 3.43 -8.78
CA LYS A 179 18.02 4.26 -9.80
C LYS A 179 16.60 4.62 -9.36
N LEU A 180 16.19 5.83 -9.65
CA LEU A 180 14.82 6.25 -9.41
C LEU A 180 14.27 7.04 -10.60
N TYR A 181 12.96 7.05 -10.70
CA TYR A 181 12.24 8.03 -11.51
C TYR A 181 11.60 9.08 -10.62
N ASP A 182 11.94 10.34 -10.87
CA ASP A 182 11.46 11.45 -10.07
C ASP A 182 10.23 12.01 -10.72
N GLN A 183 9.08 11.78 -10.09
CA GLN A 183 7.79 12.15 -10.67
C GLN A 183 7.57 13.67 -10.73
N LEU A 184 8.35 14.41 -9.94
CA LEU A 184 8.15 15.85 -9.77
C LEU A 184 8.99 16.61 -10.76
N LEU A 185 10.21 16.13 -10.93
CA LEU A 185 11.15 16.70 -11.91
C LEU A 185 10.99 16.07 -13.29
N LYS A 186 10.36 14.89 -13.35
CA LYS A 186 10.14 14.16 -14.59
C LYS A 186 11.45 13.69 -15.25
N GLU A 187 12.33 13.13 -14.43
CA GLU A 187 13.59 12.62 -14.94
C GLU A 187 14.07 11.48 -14.07
N SER A 188 14.85 10.58 -14.68
CA SER A 188 15.49 9.47 -13.99
C SER A 188 16.93 9.80 -13.67
N TYR A 189 17.38 9.35 -12.51
CA TYR A 189 18.77 9.49 -12.09
C TYR A 189 19.04 8.51 -10.95
N VAL A 190 20.32 8.28 -10.69
CA VAL A 190 20.75 7.48 -9.54
C VAL A 190 20.77 8.36 -8.28
N ASP A 191 20.23 7.85 -7.18
CA ASP A 191 20.32 8.52 -5.89
C ASP A 191 21.69 8.25 -5.30
N LYS A 192 22.54 9.28 -5.29
CA LYS A 192 23.93 9.10 -4.86
C LYS A 192 24.14 9.30 -3.37
N HIS A 193 23.11 9.77 -2.67
CA HIS A 193 23.21 10.07 -1.24
C HIS A 193 23.10 8.83 -0.38
N PRO A 194 23.80 8.81 0.77
CA PRO A 194 23.88 7.64 1.61
C PRO A 194 22.57 7.32 2.32
N VAL A 195 21.76 8.37 2.51
CA VAL A 195 20.43 8.23 3.08
C VAL A 195 19.50 9.22 2.38
N VAL A 196 18.19 9.00 2.52
CA VAL A 196 17.20 9.96 2.05
C VAL A 196 16.79 10.85 3.22
N THR A 197 16.88 12.19 3.01
CA THR A 197 16.41 13.14 4.01
C THR A 197 15.34 14.03 3.37
N PHE A 198 14.62 14.83 4.16
CA PHE A 198 13.40 15.47 3.65
C PHE A 198 13.35 16.96 3.97
N ASN A 199 13.09 17.77 2.95
CA ASN A 199 12.89 19.21 3.15
C ASN A 199 11.90 19.84 2.18
N GLN A 200 11.19 19.01 1.41
CA GLN A 200 10.25 19.49 0.41
C GLN A 200 9.43 18.30 -0.04
N GLU A 201 8.44 18.58 -0.89
CA GLU A 201 7.63 17.56 -1.53
C GLU A 201 8.53 16.57 -2.26
N THR A 202 8.24 15.29 -2.10
CA THR A 202 8.99 14.31 -2.84
C THR A 202 8.04 13.22 -3.30
N ASP A 203 8.31 12.75 -4.52
CA ASP A 203 7.50 11.74 -5.18
C ASP A 203 8.42 11.00 -6.15
N VAL A 204 9.11 9.98 -5.64
CA VAL A 204 10.12 9.26 -6.44
C VAL A 204 9.80 7.77 -6.47
N ILE A 205 10.20 7.12 -7.57
CA ILE A 205 9.97 5.67 -7.73
C ILE A 205 11.32 5.00 -7.86
N TYR A 206 11.82 4.42 -6.78
CA TYR A 206 13.08 3.65 -6.82
C TYR A 206 12.84 2.34 -7.54
N GLN A 207 13.88 1.81 -8.20
CA GLN A 207 13.72 0.60 -9.03
C GLN A 207 14.73 -0.49 -8.64
N ASN A 208 14.45 -1.73 -9.03
CA ASN A 208 15.37 -2.85 -8.80
C ASN A 208 15.62 -3.16 -7.35
N VAL A 209 14.56 -3.07 -6.54
CA VAL A 209 14.65 -3.37 -5.12
C VAL A 209 14.24 -4.83 -4.87
N SER A 210 15.18 -5.63 -4.39
CA SER A 210 14.94 -7.07 -4.28
C SER A 210 14.48 -7.45 -2.89
N ALA A 211 14.12 -8.71 -2.75
CA ALA A 211 13.81 -9.25 -1.44
C ALA A 211 14.96 -9.13 -0.46
N GLU A 212 16.18 -8.88 -0.94
CA GLU A 212 17.33 -8.80 -0.06
C GLU A 212 17.59 -7.41 0.52
N ARG A 213 16.92 -6.41 -0.03
CA ARG A 213 17.19 -5.02 0.33
C ARG A 213 16.05 -4.52 1.23
N ALA A 214 16.28 -4.58 2.55
CA ALA A 214 15.33 -4.02 3.53
C ALA A 214 15.54 -2.52 3.59
N ILE A 215 14.44 -1.77 3.73
CA ILE A 215 14.54 -0.32 3.81
C ILE A 215 14.23 0.05 5.25
N GLN A 216 15.04 0.93 5.84
CA GLN A 216 14.84 1.33 7.23
C GLN A 216 14.43 2.80 7.29
N ILE A 217 13.50 3.09 8.18
CA ILE A 217 13.16 4.46 8.53
C ILE A 217 13.73 4.73 9.91
N VAL A 218 14.54 5.80 9.99
CA VAL A 218 15.35 6.07 11.19
C VAL A 218 14.95 7.43 11.76
N ASP A 219 14.86 7.48 13.09
CA ASP A 219 14.56 8.70 13.84
C ASP A 219 15.40 8.67 15.14
N LYS A 220 16.09 9.77 15.43
CA LYS A 220 17.01 9.83 16.58
C LYS A 220 17.89 8.58 16.72
N GLY A 221 18.50 8.18 15.60
CA GLY A 221 19.42 7.05 15.54
C GLY A 221 18.79 5.66 15.64
N VAL A 222 17.48 5.62 15.89
CA VAL A 222 16.73 4.36 16.06
C VAL A 222 15.98 3.97 14.77
N GLN A 223 16.12 2.71 14.36
CA GLN A 223 15.27 2.13 13.31
C GLN A 223 13.85 1.96 13.83
N ILE A 224 12.97 2.87 13.45
CA ILE A 224 11.61 2.81 13.95
C ILE A 224 10.69 2.00 13.02
N HIS A 225 11.11 1.78 11.78
CA HIS A 225 10.34 0.94 10.87
C HIS A 225 11.28 0.21 9.93
N THR A 226 10.95 -1.04 9.60
CA THR A 226 11.64 -1.82 8.58
C THR A 226 10.62 -2.34 7.57
N LEU A 227 10.95 -2.23 6.28
CA LEU A 227 10.08 -2.68 5.21
C LEU A 227 10.83 -3.68 4.36
N LYS A 228 10.28 -4.90 4.25
CA LYS A 228 10.78 -5.91 3.33
C LYS A 228 9.69 -6.27 2.36
N ARG A 229 10.08 -6.87 1.25
CA ARG A 229 9.09 -7.26 0.25
C ARG A 229 9.51 -8.48 -0.52
N TYR A 230 8.55 -9.10 -1.20
CA TYR A 230 8.85 -10.13 -2.14
C TYR A 230 8.11 -9.83 -3.44
N ASN A 231 8.86 -9.84 -4.55
CA ASN A 231 8.27 -9.71 -5.90
C ASN A 231 7.65 -8.35 -6.21
N LEU A 232 8.20 -7.32 -5.58
CA LEU A 232 7.77 -5.95 -5.84
C LEU A 232 9.03 -5.11 -6.00
N PRO A 233 9.49 -4.95 -7.24
CA PRO A 233 10.82 -4.40 -7.50
C PRO A 233 10.90 -2.88 -7.36
N ASP A 234 9.75 -2.22 -7.24
CA ASP A 234 9.77 -0.75 -7.13
C ASP A 234 9.41 -0.28 -5.74
N THR A 235 9.90 0.90 -5.36
CA THR A 235 9.49 1.51 -4.10
C THR A 235 9.20 2.97 -4.37
N VAL A 236 7.94 3.38 -4.17
CA VAL A 236 7.59 4.81 -4.24
C VAL A 236 7.88 5.46 -2.88
N VAL A 237 8.60 6.58 -2.89
CA VAL A 237 8.78 7.33 -1.65
C VAL A 237 8.07 8.65 -1.84
N TRP A 238 7.09 8.92 -0.97
CA TRP A 238 6.25 10.09 -1.14
C TRP A 238 6.00 10.82 0.17
N ASN A 239 6.16 12.15 0.13
CA ASN A 239 5.57 12.99 1.18
C ASN A 239 5.04 14.24 0.51
N PRO A 240 3.79 14.61 0.80
CA PRO A 240 3.17 15.73 0.08
C PRO A 240 3.73 17.11 0.43
N TRP A 241 4.30 17.25 1.61
CA TRP A 241 4.75 18.54 2.15
C TRP A 241 3.57 19.51 2.30
N ILE A 242 3.92 20.79 2.39
CA ILE A 242 2.95 21.81 2.85
C ILE A 242 1.81 22.05 1.88
N GLU A 243 2.12 22.38 0.64
CA GLU A 243 1.12 22.82 -0.33
C GLU A 243 0.18 21.71 -0.77
N LYS A 244 0.75 20.54 -1.10
CA LYS A 244 -0.09 19.41 -1.52
C LYS A 244 -1.01 18.97 -0.41
N SER A 245 -0.51 18.95 0.84
CA SER A 245 -1.33 18.61 2.02
C SER A 245 -2.54 19.55 2.19
N GLN A 246 -2.29 20.84 2.02
CA GLN A 246 -3.36 21.85 2.07
C GLN A 246 -4.47 21.52 1.09
N GLY A 247 -4.08 21.10 -0.12
CA GLY A 247 -5.04 20.81 -1.20
C GLY A 247 -5.84 19.52 -1.08
N MET A 248 -5.36 18.57 -0.27
CA MET A 248 -6.07 17.29 -0.10
C MET A 248 -7.19 17.44 0.92
N ALA A 249 -8.44 17.39 0.44
CA ALA A 249 -9.58 17.74 1.32
C ALA A 249 -9.72 16.88 2.57
N ASP A 250 -9.36 15.61 2.46
CA ASP A 250 -9.53 14.69 3.56
C ASP A 250 -8.22 14.45 4.32
N PHE A 251 -7.23 15.30 4.04
CA PHE A 251 -5.95 15.25 4.74
C PHE A 251 -5.94 16.26 5.87
N GLU A 252 -5.90 15.76 7.11
CA GLU A 252 -5.83 16.62 8.30
C GLU A 252 -5.01 15.95 9.39
N PRO A 253 -4.34 16.74 10.27
CA PRO A 253 -4.21 18.20 10.22
C PRO A 253 -3.33 18.57 9.05
N LYS A 254 -3.30 19.85 8.67
CA LYS A 254 -2.50 20.27 7.52
C LYS A 254 -0.99 20.14 7.76
N THR A 255 -0.60 20.05 9.03
CA THR A 255 0.79 19.80 9.39
C THR A 255 1.04 18.29 9.45
N GLY A 256 0.04 17.49 9.08
CA GLY A 256 0.09 16.05 9.26
C GLY A 256 1.15 15.38 8.39
N TYR A 257 1.61 16.08 7.35
CA TYR A 257 2.70 15.56 6.49
C TYR A 257 3.93 15.36 7.38
N GLN A 258 3.98 16.04 8.54
CA GLN A 258 5.15 15.89 9.41
C GLN A 258 5.21 14.57 10.18
N GLN A 259 4.09 13.85 10.23
CA GLN A 259 4.00 12.59 10.98
C GLN A 259 3.83 11.38 10.07
N MET A 260 4.10 11.56 8.78
CA MET A 260 3.97 10.43 7.87
C MET A 260 5.10 10.39 6.86
N ILE A 261 5.43 9.17 6.42
CA ILE A 261 6.22 9.00 5.19
C ILE A 261 5.66 7.79 4.47
N CYS A 262 5.38 7.93 3.18
CA CYS A 262 4.91 6.77 2.41
C CYS A 262 6.09 6.09 1.77
N ILE A 263 6.26 4.80 2.04
CA ILE A 263 7.32 3.98 1.40
C ILE A 263 6.57 2.77 0.88
N GLU A 264 6.41 2.70 -0.44
CA GLU A 264 5.31 1.97 -1.04
C GLU A 264 5.89 0.93 -2.00
N PRO A 265 5.97 -0.33 -1.56
CA PRO A 265 6.49 -1.36 -2.46
C PRO A 265 5.49 -1.72 -3.56
N GLY A 266 5.99 -1.91 -4.78
CA GLY A 266 5.05 -2.19 -5.87
C GLY A 266 5.72 -2.71 -7.12
N HIS A 267 4.90 -3.00 -8.12
CA HIS A 267 5.41 -3.28 -9.45
C HIS A 267 4.75 -2.26 -10.35
N VAL A 268 5.46 -1.15 -10.58
CA VAL A 268 4.86 0.00 -11.24
C VAL A 268 5.72 0.60 -12.35
N HIS A 269 6.98 0.19 -12.47
CA HIS A 269 7.87 0.71 -13.55
C HIS A 269 7.39 0.29 -14.94
N ASP A 270 6.73 -0.86 -14.97
CA ASP A 270 6.07 -1.35 -16.16
C ASP A 270 4.88 -2.20 -15.72
N PHE A 271 4.10 -2.69 -16.69
CA PHE A 271 2.95 -3.56 -16.38
C PHE A 271 3.38 -5.02 -16.33
N ILE A 272 2.77 -5.75 -15.40
CA ILE A 272 2.85 -7.21 -15.37
C ILE A 272 1.88 -7.65 -16.45
N SER A 273 2.28 -8.61 -17.30
CA SER A 273 1.35 -9.18 -18.28
C SER A 273 1.20 -10.64 -17.93
N LEU A 274 0.00 -11.00 -17.48
CA LEU A 274 -0.26 -12.33 -16.99
C LEU A 274 -1.06 -13.11 -18.02
N ALA A 275 -0.52 -14.26 -18.45
CA ALA A 275 -1.21 -15.14 -19.40
C ALA A 275 -2.51 -15.74 -18.82
N PRO A 276 -3.45 -16.16 -19.69
CA PRO A 276 -4.69 -16.73 -19.18
C PRO A 276 -4.48 -17.88 -18.21
N GLY A 277 -5.28 -17.91 -17.14
CA GLY A 277 -5.24 -18.94 -16.11
C GLY A 277 -4.10 -18.82 -15.12
N LYS A 278 -3.16 -17.90 -15.40
CA LYS A 278 -1.93 -17.82 -14.61
C LYS A 278 -2.06 -16.91 -13.41
N LYS A 279 -1.17 -17.11 -12.42
CA LYS A 279 -1.21 -16.37 -11.16
C LYS A 279 0.09 -15.63 -10.90
N TRP A 280 -0.01 -14.52 -10.18
CA TRP A 280 1.15 -13.71 -9.77
C TRP A 280 0.97 -13.46 -8.28
N ASN A 281 2.05 -13.48 -7.51
CA ASN A 281 1.92 -13.19 -6.10
C ASN A 281 3.11 -12.42 -5.56
N ALA A 282 2.87 -11.70 -4.47
CA ALA A 282 3.89 -10.84 -3.87
C ALA A 282 3.50 -10.54 -2.43
N TYR A 283 4.40 -9.93 -1.64
CA TYR A 283 3.96 -9.43 -0.35
C TYR A 283 4.83 -8.30 0.14
N GLN A 284 4.34 -7.53 1.11
CA GLN A 284 5.24 -6.67 1.87
C GLN A 284 5.16 -7.09 3.35
N LEU A 285 6.23 -6.84 4.06
CA LEU A 285 6.39 -7.27 5.44
C LEU A 285 6.91 -6.06 6.22
N LEU A 286 6.14 -5.62 7.20
CA LEU A 286 6.49 -4.45 8.01
C LEU A 286 6.95 -4.95 9.37
N CYS A 287 8.06 -4.44 9.86
CA CYS A 287 8.45 -4.72 11.25
C CYS A 287 9.16 -3.54 11.90
N LYS A 288 9.75 -3.74 13.08
CA LYS A 288 10.55 -2.67 13.69
C LYS A 288 12.02 -3.05 13.70
N1 EPE B . 11.46 -12.80 -8.72
C2 EPE B . 11.14 -11.69 -9.65
C3 EPE B . 10.24 -12.14 -10.80
N4 EPE B . 9.28 -13.20 -10.46
C5 EPE B . 9.50 -14.09 -9.32
C6 EPE B . 10.27 -13.46 -8.17
C7 EPE B . 8.50 -13.73 -11.58
C8 EPE B . 7.17 -14.34 -11.13
O8 EPE B . 6.25 -13.30 -10.91
C9 EPE B . 12.42 -12.43 -7.67
C10 EPE B . 12.03 -11.12 -6.99
S EPE B . 12.64 -10.96 -5.30
O1S EPE B . 11.62 -10.17 -4.57
O2S EPE B . 12.78 -12.27 -4.66
O3S EPE B . 13.91 -10.31 -5.29
NA NA C . -10.33 19.36 4.97
C1 GOL D . 2.90 8.65 -5.92
O1 GOL D . 2.55 9.62 -6.91
C2 GOL D . 2.07 8.90 -4.67
O2 GOL D . 1.93 7.68 -3.92
C3 GOL D . 0.71 9.44 -5.12
O3 GOL D . -0.30 9.11 -4.20
S SO4 E . -5.97 10.90 -4.53
O1 SO4 E . -6.94 11.87 -4.00
O2 SO4 E . -6.47 10.32 -5.77
O3 SO4 E . -4.70 11.59 -4.77
O4 SO4 E . -5.71 9.82 -3.58
S SO4 F . 17.60 21.47 -2.24
O1 SO4 F . 18.61 20.60 -2.84
O2 SO4 F . 17.12 20.85 -1.01
O3 SO4 F . 18.18 22.78 -1.94
O4 SO4 F . 16.49 21.63 -3.18
#